data_3E96
#
_entry.id   3E96
#
_cell.length_a   98.766
_cell.length_b   80.938
_cell.length_c   93.166
_cell.angle_alpha   90.00
_cell.angle_beta   90.00
_cell.angle_gamma   90.00
#
_symmetry.space_group_name_H-M   'P 21 21 2'
#
loop_
_entity.id
_entity.type
_entity.pdbx_description
1 polymer 'Dihydrodipicolinate synthase'
2 water water
#
_entity_poly.entity_id   1
_entity_poly.type   'polypeptide(L)'
_entity_poly.pdbx_seq_one_letter_code
;MSLANKPLAKALETISGIPITPFRKSDGSIDWHHYKETVDRIVDNGIDVIVPCGNTSEFYALSLEEAKEEVRRTVEYVHG
RALVVAGIGYATSTAIELGNAAKAAGADAVMIHMPIHPYVTAGGVYAYFRDIIEALDFPSLVYFKDPEISDRVLVDLAPL
QNLVGVKYAINDLPRFAKVVRSIPEEHQIAWICGTAEKWAPFFWHAGAKGFTSGLVNLLPQKAVEMLEALRNNDNDAVWR
IWEDIVPFEDLRGKYNQGNNVVVIKEAMEMLRQNAGVTRAPVNELSNEDKQLVTELLSSWKLLQPTKGEGHHHHHH
;
_entity_poly.pdbx_strand_id   A,B
#
# COMPACT_ATOMS: atom_id res chain seq x y z
N PRO A 7 -3.80 30.32 14.17
CA PRO A 7 -3.67 29.50 12.94
C PRO A 7 -3.30 28.05 13.29
N LEU A 8 -4.08 27.12 12.77
CA LEU A 8 -3.85 25.71 13.01
C LEU A 8 -2.44 25.31 12.57
N ALA A 9 -2.00 25.85 11.44
CA ALA A 9 -0.66 25.56 10.92
C ALA A 9 0.41 25.84 11.98
N LYS A 10 0.31 26.97 12.65
CA LYS A 10 1.26 27.33 13.68
C LYS A 10 1.20 26.35 14.85
N ALA A 11 -0.01 25.94 15.20
CA ALA A 11 -0.21 25.00 16.30
C ALA A 11 0.38 23.63 15.99
N LEU A 12 0.52 23.34 14.69
CA LEU A 12 1.06 22.05 14.26
C LEU A 12 2.59 22.07 14.17
N GLU A 13 3.20 23.22 14.38
CA GLU A 13 4.65 23.31 14.34
C GLU A 13 5.17 22.95 15.72
N THR A 14 5.07 21.66 16.02
CA THR A 14 5.47 21.10 17.30
C THR A 14 5.65 19.60 17.08
N ILE A 15 5.65 18.84 18.18
CA ILE A 15 5.78 17.39 18.08
C ILE A 15 4.42 16.77 17.84
N SER A 16 4.30 15.96 16.79
CA SER A 16 3.05 15.25 16.52
C SER A 16 3.28 13.84 17.02
N GLY A 17 2.66 13.51 18.15
CA GLY A 17 2.83 12.17 18.71
C GLY A 17 1.90 11.18 18.03
N ILE A 18 2.47 10.07 17.56
CA ILE A 18 1.70 9.02 16.88
C ILE A 18 1.56 7.83 17.85
N PRO A 19 0.38 7.65 18.45
CA PRO A 19 0.16 6.56 19.40
C PRO A 19 0.10 5.15 18.82
N ILE A 20 0.59 4.18 19.59
CA ILE A 20 0.51 2.80 19.17
C ILE A 20 -0.93 2.38 19.43
N THR A 21 -1.35 1.27 18.82
CA THR A 21 -2.68 0.72 19.05
C THR A 21 -2.37 -0.60 19.76
N PRO A 22 -2.55 -0.63 21.09
CA PRO A 22 -2.27 -1.87 21.82
C PRO A 22 -3.15 -3.03 21.37
N PHE A 23 -2.52 -4.17 21.08
CA PHE A 23 -3.24 -5.36 20.64
C PHE A 23 -2.95 -6.50 21.62
N ARG A 24 -3.98 -7.20 22.06
CA ARG A 24 -3.80 -8.32 22.99
C ARG A 24 -3.10 -9.47 22.31
N LYS A 25 -2.13 -10.07 23.00
CA LYS A 25 -1.41 -11.20 22.44
C LYS A 25 -2.35 -12.39 22.26
N SER A 26 -3.34 -12.47 23.13
CA SER A 26 -4.31 -13.57 23.10
C SER A 26 -5.13 -13.71 21.82
N ASP A 27 -5.81 -12.64 21.42
CA ASP A 27 -6.64 -12.69 20.22
C ASP A 27 -6.44 -11.52 19.25
N GLY A 28 -5.43 -10.70 19.50
CA GLY A 28 -5.17 -9.56 18.62
C GLY A 28 -6.13 -8.40 18.73
N SER A 29 -7.11 -8.49 19.63
CA SER A 29 -8.08 -7.41 19.79
C SER A 29 -7.43 -6.17 20.41
N ILE A 30 -8.02 -5.02 20.18
CA ILE A 30 -7.50 -3.77 20.72
C ILE A 30 -7.85 -3.67 22.20
N ASP A 31 -6.87 -3.29 23.03
CA ASP A 31 -7.12 -3.11 24.45
C ASP A 31 -7.25 -1.61 24.64
N TRP A 32 -8.49 -1.13 24.75
CA TRP A 32 -8.73 0.30 24.89
C TRP A 32 -8.26 0.88 26.22
N HIS A 33 -8.13 0.05 27.25
CA HIS A 33 -7.64 0.55 28.52
C HIS A 33 -6.18 0.92 28.34
N HIS A 34 -5.45 0.04 27.65
CA HIS A 34 -4.04 0.28 27.37
C HIS A 34 -3.89 1.47 26.44
N TYR A 35 -4.84 1.62 25.51
CA TYR A 35 -4.77 2.76 24.60
C TYR A 35 -4.92 4.06 25.39
N LYS A 36 -5.80 4.05 26.38
CA LYS A 36 -6.01 5.23 27.19
C LYS A 36 -4.72 5.57 27.94
N GLU A 37 -4.04 4.54 28.46
CA GLU A 37 -2.80 4.76 29.19
C GLU A 37 -1.75 5.37 28.26
N THR A 38 -1.76 4.96 27.00
CA THR A 38 -0.81 5.46 26.01
C THR A 38 -1.13 6.91 25.70
N VAL A 39 -2.41 7.21 25.50
CA VAL A 39 -2.84 8.56 25.20
C VAL A 39 -2.46 9.48 26.37
N ASP A 40 -2.72 9.04 27.59
CA ASP A 40 -2.37 9.85 28.75
C ASP A 40 -0.86 10.11 28.83
N ARG A 41 -0.06 9.07 28.65
CA ARG A 41 1.39 9.22 28.71
C ARG A 41 1.87 10.29 27.73
N ILE A 42 1.26 10.31 26.55
CA ILE A 42 1.64 11.28 25.53
C ILE A 42 1.21 12.71 25.83
N VAL A 43 -0.10 12.93 26.01
CA VAL A 43 -0.59 14.28 26.25
C VAL A 43 -0.29 14.87 27.63
N ASP A 44 -0.09 14.02 28.63
CA ASP A 44 0.23 14.52 29.96
C ASP A 44 1.69 14.83 30.12
N ASN A 45 2.49 14.56 29.08
CA ASN A 45 3.91 14.81 29.16
C ASN A 45 4.49 15.78 28.15
N GLY A 46 3.76 16.85 27.84
CA GLY A 46 4.27 17.85 26.93
C GLY A 46 3.95 17.74 25.46
N ILE A 47 3.22 16.71 25.05
CA ILE A 47 2.88 16.57 23.63
C ILE A 47 1.49 17.19 23.39
N ASP A 48 1.43 18.17 22.50
CA ASP A 48 0.18 18.89 22.22
C ASP A 48 -0.58 18.48 20.96
N VAL A 49 -0.06 17.52 20.22
CA VAL A 49 -0.72 17.04 19.00
C VAL A 49 -0.58 15.51 19.01
N ILE A 50 -1.71 14.82 18.85
CA ILE A 50 -1.69 13.36 18.82
C ILE A 50 -2.38 12.92 17.53
N VAL A 51 -1.84 11.89 16.90
CA VAL A 51 -2.37 11.42 15.62
C VAL A 51 -2.86 9.98 15.58
N PRO A 52 -4.09 9.74 16.02
CA PRO A 52 -4.61 8.37 15.98
C PRO A 52 -4.67 7.94 14.52
N CYS A 53 -4.57 6.64 14.28
CA CYS A 53 -4.60 6.10 12.92
C CYS A 53 -3.39 6.51 12.08
N GLY A 54 -2.28 6.77 12.77
CA GLY A 54 -1.05 7.13 12.06
C GLY A 54 -0.36 5.81 11.74
N ASN A 55 0.80 5.85 11.08
CA ASN A 55 1.47 4.61 10.75
C ASN A 55 1.98 3.87 11.99
N THR A 56 2.36 4.62 13.02
CA THR A 56 2.84 4.00 14.25
C THR A 56 1.67 3.30 14.96
N SER A 57 0.46 3.70 14.60
CA SER A 57 -0.77 3.13 15.17
C SER A 57 -1.18 1.83 14.47
N GLU A 58 -0.41 1.46 13.44
CA GLU A 58 -0.69 0.28 12.63
C GLU A 58 -2.06 0.44 11.96
N PHE A 59 -2.27 1.62 11.40
CA PHE A 59 -3.49 1.98 10.70
C PHE A 59 -3.97 0.88 9.76
N TYR A 60 -3.07 0.40 8.90
CA TYR A 60 -3.45 -0.62 7.93
C TYR A 60 -3.81 -2.00 8.48
N ALA A 61 -3.54 -2.23 9.77
CA ALA A 61 -3.88 -3.50 10.40
C ALA A 61 -5.25 -3.38 11.06
N LEU A 62 -5.85 -2.20 10.98
CA LEU A 62 -7.17 -1.96 11.57
C LEU A 62 -8.29 -2.05 10.54
N SER A 63 -9.44 -2.56 10.98
CA SER A 63 -10.60 -2.62 10.09
C SER A 63 -11.06 -1.16 10.06
N LEU A 64 -11.91 -0.80 9.11
CA LEU A 64 -12.38 0.58 9.07
C LEU A 64 -13.11 0.94 10.36
N GLU A 65 -13.88 0.00 10.90
CA GLU A 65 -14.61 0.26 12.14
C GLU A 65 -13.65 0.55 13.28
N GLU A 66 -12.55 -0.20 13.34
CA GLU A 66 -11.57 0.01 14.40
C GLU A 66 -10.90 1.36 14.24
N ALA A 67 -10.59 1.73 13.00
CA ALA A 67 -9.94 3.00 12.72
C ALA A 67 -10.82 4.16 13.19
N LYS A 68 -12.11 4.10 12.87
CA LYS A 68 -13.05 5.14 13.27
C LYS A 68 -13.16 5.21 14.78
N GLU A 69 -13.23 4.05 15.43
CA GLU A 69 -13.35 4.00 16.88
C GLU A 69 -12.10 4.54 17.57
N GLU A 70 -10.92 4.29 17.00
CA GLU A 70 -9.71 4.79 17.62
C GLU A 70 -9.73 6.30 17.67
N VAL A 71 -10.16 6.93 16.58
CA VAL A 71 -10.23 8.39 16.53
C VAL A 71 -11.26 8.86 17.56
N ARG A 72 -12.41 8.20 17.58
CA ARG A 72 -13.48 8.56 18.50
C ARG A 72 -13.00 8.46 19.94
N ARG A 73 -12.35 7.36 20.29
CA ARG A 73 -11.84 7.17 21.63
C ARG A 73 -10.73 8.16 21.98
N THR A 74 -9.94 8.54 20.98
CA THR A 74 -8.86 9.49 21.21
C THR A 74 -9.41 10.84 21.65
N VAL A 75 -10.40 11.36 20.90
CA VAL A 75 -10.99 12.65 21.23
C VAL A 75 -11.54 12.63 22.65
N GLU A 76 -12.13 11.50 23.04
CA GLU A 76 -12.69 11.36 24.37
C GLU A 76 -11.61 11.32 25.45
N TYR A 77 -10.63 10.45 25.27
CA TYR A 77 -9.55 10.32 26.26
C TYR A 77 -8.68 11.56 26.38
N VAL A 78 -8.50 12.27 25.27
CA VAL A 78 -7.69 13.49 25.27
C VAL A 78 -8.41 14.64 25.96
N HIS A 79 -9.72 14.69 25.78
CA HIS A 79 -10.58 15.74 26.34
C HIS A 79 -9.93 17.12 26.41
N GLY A 80 -9.56 17.63 25.24
CA GLY A 80 -8.97 18.96 25.14
C GLY A 80 -7.48 19.17 25.45
N ARG A 81 -6.81 18.15 25.98
CA ARG A 81 -5.39 18.28 26.32
C ARG A 81 -4.45 18.40 25.12
N ALA A 82 -4.98 18.19 23.92
CA ALA A 82 -4.16 18.27 22.72
C ALA A 82 -5.03 18.26 21.47
N LEU A 83 -4.45 18.71 20.36
CA LEU A 83 -5.17 18.69 19.09
C LEU A 83 -5.16 17.24 18.64
N VAL A 84 -6.25 16.81 18.00
CA VAL A 84 -6.35 15.43 17.54
C VAL A 84 -6.41 15.43 16.02
N VAL A 85 -5.42 14.80 15.40
CA VAL A 85 -5.34 14.71 13.94
C VAL A 85 -5.63 13.25 13.57
N ALA A 86 -6.71 13.03 12.83
CA ALA A 86 -7.10 11.68 12.44
C ALA A 86 -6.53 11.20 11.12
N GLY A 87 -5.79 10.10 11.17
CA GLY A 87 -5.22 9.54 9.95
C GLY A 87 -6.34 8.90 9.15
N ILE A 88 -6.31 9.10 7.83
CA ILE A 88 -7.30 8.52 6.94
C ILE A 88 -6.58 8.09 5.66
N GLY A 89 -7.23 7.25 4.87
CA GLY A 89 -6.62 6.78 3.64
C GLY A 89 -7.55 5.91 2.81
N TYR A 90 -6.94 5.10 1.94
CA TYR A 90 -7.65 4.17 1.05
C TYR A 90 -8.27 4.90 -0.13
N ALA A 91 -9.21 4.24 -0.82
CA ALA A 91 -9.88 4.84 -1.96
C ALA A 91 -10.52 6.17 -1.55
N THR A 92 -10.59 7.10 -2.50
CA THR A 92 -11.16 8.41 -2.27
C THR A 92 -12.45 8.39 -1.44
N SER A 93 -13.44 7.63 -1.89
CA SER A 93 -14.72 7.58 -1.16
C SER A 93 -14.52 7.08 0.27
N THR A 94 -13.61 6.15 0.46
CA THR A 94 -13.34 5.60 1.79
C THR A 94 -12.61 6.63 2.66
N ALA A 95 -11.65 7.35 2.07
CA ALA A 95 -10.92 8.37 2.82
C ALA A 95 -11.91 9.43 3.29
N ILE A 96 -12.86 9.78 2.42
CA ILE A 96 -13.85 10.79 2.77
C ILE A 96 -14.76 10.27 3.88
N GLU A 97 -15.11 8.99 3.83
CA GLU A 97 -15.96 8.39 4.86
C GLU A 97 -15.25 8.46 6.20
N LEU A 98 -13.96 8.11 6.21
CA LEU A 98 -13.17 8.16 7.43
C LEU A 98 -13.03 9.59 7.94
N GLY A 99 -12.88 10.53 7.00
CA GLY A 99 -12.76 11.93 7.39
C GLY A 99 -14.02 12.46 8.03
N ASN A 100 -15.16 12.16 7.43
CA ASN A 100 -16.43 12.62 7.96
C ASN A 100 -16.72 12.04 9.33
N ALA A 101 -16.29 10.79 9.54
CA ALA A 101 -16.49 10.15 10.84
C ALA A 101 -15.61 10.86 11.86
N ALA A 102 -14.40 11.21 11.44
CA ALA A 102 -13.47 11.91 12.33
C ALA A 102 -14.01 13.30 12.65
N LYS A 103 -14.61 13.96 11.66
CA LYS A 103 -15.16 15.29 11.88
C LYS A 103 -16.28 15.25 12.90
N ALA A 104 -17.17 14.28 12.78
CA ALA A 104 -18.29 14.14 13.71
C ALA A 104 -17.79 13.75 15.10
N ALA A 105 -16.69 13.00 15.13
CA ALA A 105 -16.11 12.55 16.40
C ALA A 105 -15.43 13.69 17.17
N GLY A 106 -15.20 14.81 16.49
CA GLY A 106 -14.58 15.94 17.15
C GLY A 106 -13.11 16.17 16.88
N ALA A 107 -12.53 15.48 15.90
CA ALA A 107 -11.11 15.67 15.59
C ALA A 107 -10.89 17.10 15.10
N ASP A 108 -9.65 17.57 15.17
CA ASP A 108 -9.31 18.93 14.75
C ASP A 108 -8.85 19.00 13.31
N ALA A 109 -8.40 17.88 12.79
CA ALA A 109 -7.91 17.81 11.41
C ALA A 109 -7.72 16.36 11.03
N VAL A 110 -7.44 16.13 9.75
CA VAL A 110 -7.17 14.78 9.27
C VAL A 110 -5.79 14.77 8.62
N MET A 111 -5.14 13.61 8.63
CA MET A 111 -3.85 13.46 7.98
C MET A 111 -4.08 12.42 6.90
N ILE A 112 -3.95 12.80 5.65
CA ILE A 112 -4.18 11.85 4.57
C ILE A 112 -2.90 11.07 4.31
N HIS A 113 -2.94 9.78 4.61
CA HIS A 113 -1.80 8.90 4.38
C HIS A 113 -1.50 8.95 2.91
N MET A 114 -0.32 8.53 2.54
CA MET A 114 -0.15 8.55 1.13
C MET A 114 -0.78 7.31 0.54
N PRO A 115 -1.37 7.44 -0.66
CA PRO A 115 -2.01 6.29 -1.30
C PRO A 115 -1.08 5.09 -1.39
N ILE A 116 -1.62 3.92 -1.07
CA ILE A 116 -0.83 2.70 -1.11
C ILE A 116 -0.94 1.92 -2.42
N HIS A 117 -1.64 2.48 -3.40
CA HIS A 117 -1.81 1.83 -4.70
C HIS A 117 -0.42 1.55 -5.29
N PRO A 118 -0.25 0.39 -5.95
CA PRO A 118 1.05 0.05 -6.54
C PRO A 118 1.38 0.95 -7.73
N TYR A 119 0.35 1.55 -8.33
CA TYR A 119 0.53 2.45 -9.47
C TYR A 119 0.06 3.87 -9.12
N VAL A 120 1.00 4.81 -9.18
CA VAL A 120 0.72 6.21 -8.90
C VAL A 120 1.54 7.08 -9.84
N THR A 121 1.00 8.26 -10.18
CA THR A 121 1.73 9.20 -11.02
C THR A 121 1.54 10.56 -10.36
N ALA A 122 2.46 11.49 -10.64
CA ALA A 122 2.38 12.82 -10.03
C ALA A 122 1.02 13.49 -10.22
N GLY A 123 0.54 13.51 -11.45
CA GLY A 123 -0.75 14.14 -11.72
C GLY A 123 -1.88 13.46 -10.96
N GLY A 124 -1.80 12.14 -10.83
CA GLY A 124 -2.83 11.39 -10.11
C GLY A 124 -2.78 11.61 -8.61
N VAL A 125 -1.58 11.71 -8.06
CA VAL A 125 -1.41 11.92 -6.62
C VAL A 125 -1.95 13.30 -6.26
N TYR A 126 -1.68 14.28 -7.11
CA TYR A 126 -2.19 15.61 -6.87
C TYR A 126 -3.71 15.55 -6.78
N ALA A 127 -4.33 14.92 -7.77
CA ALA A 127 -5.78 14.80 -7.81
C ALA A 127 -6.31 14.03 -6.60
N TYR A 128 -5.61 12.98 -6.20
CA TYR A 128 -6.04 12.16 -5.06
C TYR A 128 -6.17 13.02 -3.80
N PHE A 129 -5.09 13.71 -3.44
CA PHE A 129 -5.10 14.56 -2.25
C PHE A 129 -6.09 15.73 -2.40
N ARG A 130 -6.03 16.41 -3.52
CA ARG A 130 -6.92 17.55 -3.76
C ARG A 130 -8.41 17.19 -3.61
N ASP A 131 -8.82 16.11 -4.25
CA ASP A 131 -10.23 15.70 -4.20
C ASP A 131 -10.71 15.36 -2.80
N ILE A 132 -9.85 14.76 -1.99
CA ILE A 132 -10.24 14.41 -0.62
C ILE A 132 -10.33 15.67 0.24
N ILE A 133 -9.35 16.55 0.11
CA ILE A 133 -9.34 17.79 0.87
C ILE A 133 -10.53 18.67 0.51
N GLU A 134 -10.83 18.79 -0.78
CA GLU A 134 -11.96 19.62 -1.19
C GLU A 134 -13.29 19.02 -0.77
N ALA A 135 -13.41 17.70 -0.88
CA ALA A 135 -14.64 17.03 -0.51
C ALA A 135 -14.91 17.16 0.99
N LEU A 136 -13.85 17.05 1.79
CA LEU A 136 -14.01 17.16 3.23
C LEU A 136 -14.19 18.57 3.75
N ASP A 137 -13.57 19.54 3.06
CA ASP A 137 -13.66 20.94 3.48
C ASP A 137 -13.32 21.01 4.96
N PHE A 138 -12.20 20.37 5.32
CA PHE A 138 -11.77 20.29 6.71
C PHE A 138 -10.24 20.35 6.74
N PRO A 139 -9.65 20.95 7.79
CA PRO A 139 -8.19 21.05 7.88
C PRO A 139 -7.52 19.71 7.61
N SER A 140 -6.54 19.72 6.71
CA SER A 140 -5.86 18.50 6.32
C SER A 140 -4.33 18.59 6.22
N LEU A 141 -3.68 17.47 6.50
CA LEU A 141 -2.24 17.35 6.36
C LEU A 141 -2.05 16.20 5.39
N VAL A 142 -0.91 16.19 4.71
CA VAL A 142 -0.62 15.12 3.77
C VAL A 142 0.72 14.49 4.18
N TYR A 143 0.79 13.16 4.06
CA TYR A 143 2.03 12.45 4.39
C TYR A 143 2.64 12.11 3.03
N PHE A 144 3.69 12.87 2.69
CA PHE A 144 4.36 12.75 1.41
C PHE A 144 5.64 11.94 1.56
N LYS A 145 5.66 10.72 1.03
CA LYS A 145 6.83 9.87 1.20
C LYS A 145 7.36 9.07 0.01
N ASP A 146 6.80 9.28 -1.18
CA ASP A 146 7.29 8.53 -2.34
C ASP A 146 8.25 9.40 -3.14
N PRO A 147 9.54 9.03 -3.15
CA PRO A 147 10.58 9.78 -3.87
C PRO A 147 10.30 9.88 -5.37
N GLU A 148 9.54 8.93 -5.89
CA GLU A 148 9.22 8.89 -7.32
C GLU A 148 8.18 9.92 -7.74
N ILE A 149 7.54 10.57 -6.77
CA ILE A 149 6.53 11.58 -7.05
C ILE A 149 7.13 12.98 -6.84
N SER A 150 7.07 13.80 -7.87
CA SER A 150 7.61 15.16 -7.83
C SER A 150 7.08 16.04 -6.72
N ASP A 151 7.95 16.87 -6.15
CA ASP A 151 7.55 17.79 -5.08
C ASP A 151 6.60 18.84 -5.64
N ARG A 152 6.50 18.91 -6.97
CA ARG A 152 5.61 19.87 -7.61
C ARG A 152 4.18 19.63 -7.12
N VAL A 153 3.88 18.39 -6.74
CA VAL A 153 2.55 18.05 -6.23
C VAL A 153 2.24 18.91 -5.00
N LEU A 154 3.23 19.08 -4.13
CA LEU A 154 3.02 19.87 -2.92
C LEU A 154 2.90 21.36 -3.27
N VAL A 155 3.67 21.81 -4.24
CA VAL A 155 3.60 23.21 -4.65
C VAL A 155 2.20 23.50 -5.19
N ASP A 156 1.64 22.56 -5.93
CA ASP A 156 0.30 22.74 -6.50
C ASP A 156 -0.84 22.64 -5.49
N LEU A 157 -0.63 21.87 -4.42
CA LEU A 157 -1.65 21.72 -3.39
C LEU A 157 -1.64 22.87 -2.38
N ALA A 158 -0.48 23.48 -2.20
CA ALA A 158 -0.29 24.56 -1.23
C ALA A 158 -1.38 25.65 -1.15
N PRO A 159 -1.91 26.09 -2.30
CA PRO A 159 -2.95 27.12 -2.28
C PRO A 159 -4.26 26.73 -1.58
N LEU A 160 -4.52 25.43 -1.47
CA LEU A 160 -5.75 24.96 -0.82
C LEU A 160 -5.92 25.49 0.59
N GLN A 161 -7.06 26.11 0.87
CA GLN A 161 -7.32 26.66 2.19
C GLN A 161 -7.14 25.64 3.30
N ASN A 162 -7.65 24.42 3.07
CA ASN A 162 -7.57 23.39 4.09
C ASN A 162 -6.29 22.56 4.19
N LEU A 163 -5.30 22.83 3.35
CA LEU A 163 -4.03 22.12 3.47
C LEU A 163 -3.26 22.96 4.49
N VAL A 164 -3.22 22.52 5.74
CA VAL A 164 -2.55 23.28 6.78
C VAL A 164 -1.14 22.80 7.10
N GLY A 165 -0.77 21.64 6.58
CA GLY A 165 0.56 21.13 6.85
C GLY A 165 0.94 19.94 5.98
N VAL A 166 2.25 19.67 5.95
CA VAL A 166 2.77 18.56 5.19
C VAL A 166 3.78 17.82 6.04
N LYS A 167 3.57 16.51 6.20
CA LYS A 167 4.50 15.66 6.92
C LYS A 167 5.41 15.16 5.80
N TYR A 168 6.53 15.83 5.58
CA TYR A 168 7.44 15.45 4.52
C TYR A 168 8.24 14.24 4.99
N ALA A 169 8.09 13.12 4.27
CA ALA A 169 8.75 11.89 4.66
C ALA A 169 9.75 11.30 3.66
N ILE A 170 10.31 12.15 2.81
CA ILE A 170 11.32 11.70 1.86
C ILE A 170 12.61 12.24 2.48
N ASN A 171 13.50 11.36 2.90
CA ASN A 171 14.72 11.80 3.54
C ASN A 171 15.79 12.28 2.57
N ASP A 172 15.41 13.29 1.80
CA ASP A 172 16.28 13.89 0.79
C ASP A 172 16.33 15.36 1.21
N LEU A 173 17.38 15.73 1.94
CA LEU A 173 17.48 17.10 2.44
C LEU A 173 17.47 18.18 1.37
N PRO A 174 18.22 17.98 0.27
CA PRO A 174 18.21 19.00 -0.78
C PRO A 174 16.80 19.21 -1.33
N ARG A 175 16.07 18.10 -1.52
CA ARG A 175 14.70 18.20 -2.02
C ARG A 175 13.80 18.96 -1.06
N PHE A 176 13.88 18.61 0.22
CA PHE A 176 13.06 19.26 1.24
C PHE A 176 13.38 20.75 1.34
N ALA A 177 14.66 21.08 1.44
CA ALA A 177 15.07 22.47 1.55
C ALA A 177 14.49 23.27 0.37
N LYS A 178 14.58 22.69 -0.82
CA LYS A 178 14.07 23.35 -2.02
C LYS A 178 12.55 23.54 -2.03
N VAL A 179 11.80 22.48 -1.69
CA VAL A 179 10.34 22.64 -1.72
C VAL A 179 9.86 23.63 -0.67
N VAL A 180 10.52 23.68 0.49
CA VAL A 180 10.12 24.63 1.52
C VAL A 180 10.26 26.05 0.97
N ARG A 181 11.28 26.25 0.14
CA ARG A 181 11.55 27.57 -0.44
C ARG A 181 10.86 27.81 -1.77
N SER A 182 10.04 26.86 -2.21
CA SER A 182 9.33 26.98 -3.48
C SER A 182 7.86 27.31 -3.24
N ILE A 183 7.48 27.40 -1.97
CA ILE A 183 6.09 27.70 -1.62
C ILE A 183 6.00 28.99 -0.84
N PRO A 184 5.28 29.98 -1.40
CA PRO A 184 5.09 31.30 -0.79
C PRO A 184 4.62 31.21 0.66
N GLU A 185 5.09 32.14 1.49
CA GLU A 185 4.74 32.17 2.90
C GLU A 185 3.23 32.39 3.08
N GLU A 186 2.60 33.04 2.10
CA GLU A 186 1.17 33.30 2.17
C GLU A 186 0.29 32.06 2.10
N HIS A 187 0.90 30.89 2.01
CA HIS A 187 0.13 29.65 1.95
C HIS A 187 0.10 28.95 3.31
N GLN A 188 0.87 29.50 4.24
CA GLN A 188 0.93 29.01 5.61
C GLN A 188 0.90 27.50 5.77
N ILE A 189 1.92 26.83 5.25
CA ILE A 189 2.01 25.39 5.37
C ILE A 189 2.96 25.08 6.52
N ALA A 190 2.51 24.21 7.42
CA ALA A 190 3.36 23.80 8.54
C ALA A 190 4.22 22.68 7.97
N TRP A 191 5.54 22.88 7.96
CA TRP A 191 6.44 21.87 7.44
C TRP A 191 6.92 20.99 8.59
N ILE A 192 6.48 19.74 8.56
CA ILE A 192 6.80 18.77 9.61
C ILE A 192 7.66 17.62 9.11
N CYS A 193 8.73 17.32 9.85
CA CYS A 193 9.58 16.19 9.50
C CYS A 193 8.77 14.95 9.83
N GLY A 194 8.42 14.18 8.81
CA GLY A 194 7.62 12.99 9.05
C GLY A 194 8.41 11.74 9.37
N THR A 195 9.72 11.86 9.52
CA THR A 195 10.55 10.69 9.79
C THR A 195 11.18 10.64 11.18
N ALA A 196 10.60 11.42 12.09
CA ALA A 196 10.98 11.45 13.50
C ALA A 196 12.34 12.01 13.92
N GLU A 197 12.67 11.76 15.19
CA GLU A 197 13.89 12.27 15.82
C GLU A 197 15.23 12.05 15.15
N LYS A 198 15.42 10.92 14.48
CA LYS A 198 16.69 10.68 13.82
C LYS A 198 16.93 11.72 12.74
N TRP A 199 15.86 12.13 12.08
CA TRP A 199 15.97 13.11 10.99
C TRP A 199 15.64 14.54 11.33
N ALA A 200 14.90 14.75 12.42
CA ALA A 200 14.47 16.07 12.84
C ALA A 200 15.51 17.20 12.84
N PRO A 201 16.70 16.95 13.41
CA PRO A 201 17.71 18.02 13.43
C PRO A 201 18.06 18.53 12.03
N PHE A 202 18.22 17.60 11.10
CA PHE A 202 18.58 17.93 9.74
C PHE A 202 17.44 18.66 9.03
N PHE A 203 16.20 18.17 9.20
CA PHE A 203 15.05 18.81 8.59
C PHE A 203 14.85 20.20 9.19
N TRP A 204 15.05 20.31 10.50
CA TRP A 204 14.87 21.59 11.18
C TRP A 204 15.79 22.65 10.57
N HIS A 205 17.06 22.32 10.42
CA HIS A 205 18.03 23.24 9.83
C HIS A 205 17.56 23.67 8.44
N ALA A 206 16.92 22.75 7.73
CA ALA A 206 16.45 23.00 6.37
C ALA A 206 15.09 23.70 6.25
N GLY A 207 14.40 23.92 7.37
CA GLY A 207 13.12 24.60 7.30
C GLY A 207 11.95 24.01 8.07
N ALA A 208 12.08 22.77 8.56
CA ALA A 208 10.98 22.15 9.30
C ALA A 208 10.80 22.83 10.66
N LYS A 209 9.55 22.93 11.11
CA LYS A 209 9.25 23.53 12.40
C LYS A 209 8.51 22.58 13.32
N GLY A 210 8.51 21.30 12.95
CA GLY A 210 7.86 20.29 13.76
C GLY A 210 8.32 18.92 13.31
N PHE A 211 7.99 17.89 14.07
CA PHE A 211 8.37 16.54 13.69
C PHE A 211 7.48 15.50 14.35
N THR A 212 7.34 14.36 13.70
CA THR A 212 6.51 13.28 14.25
C THR A 212 7.38 12.46 15.20
N SER A 213 6.74 11.67 16.05
CA SER A 213 7.47 10.86 17.01
C SER A 213 6.70 9.65 17.49
N GLY A 214 7.38 8.52 17.50
CA GLY A 214 6.79 7.29 18.00
C GLY A 214 7.39 7.05 19.38
N LEU A 215 8.53 7.69 19.63
CA LEU A 215 9.23 7.56 20.90
C LEU A 215 8.39 8.08 22.07
N VAL A 216 7.49 9.03 21.78
CA VAL A 216 6.63 9.58 22.82
C VAL A 216 5.76 8.50 23.48
N ASN A 217 5.63 7.35 22.84
CA ASN A 217 4.83 6.25 23.38
C ASN A 217 5.46 5.67 24.65
N LEU A 218 6.75 5.86 24.82
CA LEU A 218 7.44 5.35 26.00
C LEU A 218 8.22 6.41 26.76
N LEU A 219 8.83 7.35 26.04
CA LEU A 219 9.64 8.39 26.66
C LEU A 219 9.38 9.76 26.03
N PRO A 220 8.18 10.31 26.24
CA PRO A 220 7.87 11.63 25.66
C PRO A 220 8.82 12.74 26.07
N GLN A 221 9.43 12.60 27.25
CA GLN A 221 10.37 13.61 27.75
C GLN A 221 11.53 13.84 26.80
N LYS A 222 12.06 12.76 26.22
CA LYS A 222 13.19 12.87 25.30
C LYS A 222 12.83 13.65 24.03
N ALA A 223 11.62 13.45 23.52
CA ALA A 223 11.17 14.15 22.32
C ALA A 223 11.01 15.63 22.65
N VAL A 224 10.42 15.92 23.79
CA VAL A 224 10.23 17.31 24.19
C VAL A 224 11.57 18.02 24.34
N GLU A 225 12.57 17.33 24.89
CA GLU A 225 13.89 17.92 25.05
C GLU A 225 14.47 18.29 23.69
N MET A 226 14.26 17.41 22.71
CA MET A 226 14.75 17.64 21.36
C MET A 226 14.09 18.89 20.79
N LEU A 227 12.77 18.96 20.89
CA LEU A 227 12.03 20.12 20.38
C LEU A 227 12.49 21.43 20.99
N GLU A 228 12.64 21.46 22.32
CA GLU A 228 13.07 22.67 22.99
C GLU A 228 14.48 23.09 22.60
N ALA A 229 15.37 22.12 22.45
CA ALA A 229 16.75 22.40 22.05
C ALA A 229 16.77 22.98 20.64
N LEU A 230 15.95 22.42 19.76
CA LEU A 230 15.90 22.91 18.38
C LEU A 230 15.35 24.33 18.34
N ARG A 231 14.27 24.57 19.08
CA ARG A 231 13.66 25.90 19.12
C ARG A 231 14.59 26.93 19.73
N ASN A 232 15.41 26.50 20.69
CA ASN A 232 16.35 27.41 21.35
C ASN A 232 17.64 27.59 20.56
N ASN A 233 17.79 26.87 19.46
CA ASN A 233 18.99 26.97 18.65
C ASN A 233 20.21 26.56 19.46
N ASP A 234 20.01 25.62 20.38
CA ASP A 234 21.07 25.11 21.24
C ASP A 234 21.67 23.88 20.58
N ASN A 235 22.53 24.09 19.58
CA ASN A 235 23.14 23.00 18.83
C ASN A 235 23.79 21.92 19.69
N ASP A 236 24.55 22.31 20.71
CA ASP A 236 25.19 21.34 21.58
C ASP A 236 24.17 20.38 22.19
N ALA A 237 23.08 20.94 22.71
CA ALA A 237 22.04 20.13 23.32
C ALA A 237 21.36 19.26 22.27
N VAL A 238 21.11 19.84 21.10
CA VAL A 238 20.47 19.11 20.01
C VAL A 238 21.22 17.84 19.66
N TRP A 239 22.53 17.96 19.41
CA TRP A 239 23.31 16.79 19.06
C TRP A 239 23.41 15.80 20.20
N ARG A 240 23.45 16.29 21.43
CA ARG A 240 23.52 15.40 22.57
C ARG A 240 22.27 14.51 22.63
N ILE A 241 21.10 15.15 22.55
CA ILE A 241 19.86 14.39 22.61
C ILE A 241 19.73 13.49 21.38
N TRP A 242 20.20 13.98 20.24
CA TRP A 242 20.15 13.19 19.01
C TRP A 242 20.97 11.91 19.16
N GLU A 243 22.22 12.03 19.60
CA GLU A 243 23.07 10.84 19.78
C GLU A 243 22.41 9.86 20.74
N ASP A 244 21.72 10.40 21.74
CA ASP A 244 21.05 9.59 22.75
C ASP A 244 19.88 8.79 22.16
N ILE A 245 19.15 9.42 21.25
CA ILE A 245 17.98 8.81 20.64
C ILE A 245 18.17 7.97 19.37
N VAL A 246 19.09 8.38 18.51
CA VAL A 246 19.28 7.68 17.24
C VAL A 246 19.42 6.15 17.27
N PRO A 247 20.09 5.57 18.30
CA PRO A 247 20.19 4.10 18.27
C PRO A 247 18.82 3.44 18.34
N PHE A 248 17.88 4.07 19.03
CA PHE A 248 16.53 3.53 19.16
C PHE A 248 15.85 3.60 17.79
N GLU A 249 16.02 4.72 17.11
CA GLU A 249 15.41 4.90 15.80
C GLU A 249 16.05 3.96 14.77
N ASP A 250 17.35 3.72 14.91
CA ASP A 250 18.05 2.82 13.99
C ASP A 250 17.49 1.41 14.14
N LEU A 251 17.23 1.02 15.39
CA LEU A 251 16.69 -0.30 15.68
C LEU A 251 15.29 -0.44 15.08
N ARG A 252 14.50 0.61 15.20
CA ARG A 252 13.14 0.60 14.65
C ARG A 252 13.18 0.47 13.13
N GLY A 253 14.22 1.03 12.53
CA GLY A 253 14.35 1.00 11.08
C GLY A 253 14.83 -0.30 10.46
N LYS A 254 15.23 -1.27 11.28
CA LYS A 254 15.71 -2.55 10.74
C LYS A 254 14.68 -3.26 9.86
N TYR A 255 15.19 -4.03 8.91
CA TYR A 255 14.36 -4.80 7.97
C TYR A 255 13.46 -3.89 7.14
N ASN A 256 14.04 -2.82 6.62
CA ASN A 256 13.29 -1.87 5.80
C ASN A 256 12.07 -1.35 6.58
N GLN A 257 12.30 -0.97 7.83
CA GLN A 257 11.29 -0.44 8.74
C GLN A 257 10.31 -1.47 9.30
N GLY A 258 10.56 -2.74 9.05
CA GLY A 258 9.67 -3.76 9.58
C GLY A 258 9.60 -3.74 11.10
N ASN A 259 10.70 -3.30 11.73
CA ASN A 259 10.81 -3.20 13.19
C ASN A 259 10.23 -1.93 13.78
N ASN A 260 9.72 -1.04 12.93
CA ASN A 260 9.22 0.25 13.37
C ASN A 260 8.30 0.30 14.58
N VAL A 261 7.26 -0.53 14.60
CA VAL A 261 6.34 -0.51 15.72
C VAL A 261 6.64 -1.59 16.77
N VAL A 262 7.02 -2.77 16.32
CA VAL A 262 7.31 -3.86 17.25
C VAL A 262 8.45 -3.52 18.22
N VAL A 263 9.42 -2.72 17.79
CA VAL A 263 10.50 -2.32 18.68
C VAL A 263 9.94 -1.42 19.79
N ILE A 264 9.02 -0.55 19.41
CA ILE A 264 8.39 0.35 20.38
C ILE A 264 7.58 -0.46 21.39
N LYS A 265 6.78 -1.40 20.90
CA LYS A 265 5.96 -2.21 21.78
C LYS A 265 6.75 -3.13 22.73
N GLU A 266 7.80 -3.77 22.22
CA GLU A 266 8.58 -4.64 23.10
C GLU A 266 9.41 -3.82 24.09
N ALA A 267 9.80 -2.61 23.70
CA ALA A 267 10.55 -1.74 24.59
C ALA A 267 9.62 -1.27 25.70
N MET A 268 8.40 -0.92 25.32
CA MET A 268 7.40 -0.47 26.30
C MET A 268 7.15 -1.58 27.30
N GLU A 269 6.94 -2.80 26.81
CA GLU A 269 6.66 -3.93 27.69
C GLU A 269 7.83 -4.22 28.65
N MET A 270 9.06 -4.01 28.18
CA MET A 270 10.22 -4.23 29.03
C MET A 270 10.24 -3.18 30.13
N LEU A 271 9.62 -2.03 29.85
CA LEU A 271 9.55 -0.95 30.83
C LEU A 271 8.30 -1.14 31.69
N ARG A 272 7.57 -2.21 31.44
CA ARG A 272 6.35 -2.53 32.17
C ARG A 272 5.20 -1.61 31.79
N GLN A 273 5.30 -0.99 30.63
CA GLN A 273 4.22 -0.13 30.12
C GLN A 273 3.39 -1.11 29.28
N ASN A 274 2.09 -0.87 29.17
CA ASN A 274 1.21 -1.77 28.45
C ASN A 274 1.10 -1.44 26.95
N ALA A 275 1.55 -2.37 26.11
CA ALA A 275 1.50 -2.16 24.66
C ALA A 275 0.99 -3.40 23.93
N GLY A 276 1.21 -4.57 24.52
CA GLY A 276 0.79 -5.80 23.86
C GLY A 276 1.72 -6.12 22.69
N VAL A 277 1.16 -6.65 21.62
CA VAL A 277 1.95 -7.03 20.45
C VAL A 277 1.49 -6.33 19.17
N THR A 278 2.22 -6.55 18.09
CA THR A 278 1.85 -5.99 16.81
C THR A 278 0.96 -7.01 16.12
N ARG A 279 0.22 -6.58 15.11
CA ARG A 279 -0.64 -7.48 14.36
C ARG A 279 0.10 -7.90 13.11
N ALA A 280 -0.20 -9.10 12.60
CA ALA A 280 0.43 -9.55 11.36
C ALA A 280 0.03 -8.42 10.42
N PRO A 281 0.86 -8.12 9.41
CA PRO A 281 2.15 -8.66 8.97
C PRO A 281 3.45 -8.42 9.76
N VAL A 282 3.37 -8.21 11.07
CA VAL A 282 4.59 -8.03 11.87
C VAL A 282 4.46 -8.85 13.14
N ASN A 283 5.40 -9.75 13.39
CA ASN A 283 5.35 -10.58 14.59
C ASN A 283 6.41 -10.12 15.58
N GLU A 284 6.65 -10.89 16.63
CA GLU A 284 7.62 -10.49 17.65
C GLU A 284 9.08 -10.44 17.21
N LEU A 285 9.90 -9.76 18.01
CA LEU A 285 11.32 -9.61 17.73
C LEU A 285 12.07 -10.92 17.94
N SER A 286 13.24 -11.03 17.31
CA SER A 286 14.09 -12.20 17.46
C SER A 286 14.81 -12.01 18.78
N ASN A 287 15.36 -13.08 19.34
CA ASN A 287 16.08 -12.97 20.59
C ASN A 287 17.20 -11.95 20.43
N GLU A 288 17.79 -11.91 19.24
CA GLU A 288 18.87 -10.99 18.95
C GLU A 288 18.43 -9.53 19.12
N ASP A 289 17.31 -9.17 18.48
CA ASP A 289 16.83 -7.80 18.59
C ASP A 289 16.30 -7.50 19.99
N LYS A 290 15.79 -8.52 20.66
CA LYS A 290 15.30 -8.34 22.02
C LYS A 290 16.46 -7.90 22.91
N GLN A 291 17.62 -8.50 22.68
CA GLN A 291 18.81 -8.16 23.47
C GLN A 291 19.24 -6.74 23.17
N LEU A 292 19.16 -6.34 21.90
CA LEU A 292 19.53 -5.00 21.51
C LEU A 292 18.62 -3.98 22.18
N VAL A 293 17.33 -4.31 22.30
CA VAL A 293 16.39 -3.41 22.96
C VAL A 293 16.79 -3.29 24.42
N THR A 294 17.08 -4.43 25.04
CA THR A 294 17.48 -4.45 26.45
C THR A 294 18.71 -3.58 26.65
N GLU A 295 19.68 -3.72 25.77
CA GLU A 295 20.91 -2.95 25.84
C GLU A 295 20.67 -1.46 25.71
N LEU A 296 19.67 -1.08 24.93
CA LEU A 296 19.34 0.34 24.75
C LEU A 296 18.72 0.92 26.01
N LEU A 297 17.77 0.20 26.59
CA LEU A 297 17.09 0.65 27.78
C LEU A 297 18.11 0.74 28.93
N SER A 298 19.04 -0.20 28.95
CA SER A 298 20.08 -0.24 29.97
C SER A 298 20.97 0.99 29.77
N SER A 299 21.25 1.30 28.51
CA SER A 299 22.06 2.44 28.15
C SER A 299 21.40 3.73 28.63
N TRP A 300 20.08 3.79 28.51
CA TRP A 300 19.32 4.94 28.94
C TRP A 300 19.14 4.95 30.45
N LYS A 301 19.64 3.92 31.11
CA LYS A 301 19.54 3.80 32.56
C LYS A 301 18.07 3.76 33.01
N LEU A 302 17.28 2.95 32.31
CA LEU A 302 15.87 2.80 32.61
C LEU A 302 15.57 1.42 33.19
N LEU B 8 -7.58 -28.11 -8.97
CA LEU B 8 -7.71 -26.63 -9.18
C LEU B 8 -6.35 -26.02 -9.46
N ALA B 9 -5.32 -26.51 -8.75
CA ALA B 9 -3.97 -26.00 -8.96
C ALA B 9 -3.59 -26.19 -10.42
N LYS B 10 -4.02 -27.30 -11.00
CA LYS B 10 -3.73 -27.60 -12.40
C LYS B 10 -4.45 -26.63 -13.32
N ALA B 11 -5.69 -26.33 -12.98
CA ALA B 11 -6.50 -25.41 -13.78
C ALA B 11 -5.92 -23.99 -13.76
N LEU B 12 -5.14 -23.70 -12.72
CA LEU B 12 -4.52 -22.38 -12.57
C LEU B 12 -3.21 -22.24 -13.33
N GLU B 13 -2.71 -23.34 -13.88
CA GLU B 13 -1.47 -23.33 -14.65
C GLU B 13 -1.84 -22.96 -16.08
N THR B 14 -2.15 -21.68 -16.26
CA THR B 14 -2.55 -21.14 -17.55
C THR B 14 -2.45 -19.62 -17.41
N ILE B 15 -3.13 -18.89 -18.28
CA ILE B 15 -3.12 -17.43 -18.21
C ILE B 15 -4.20 -16.94 -17.23
N SER B 16 -3.81 -16.10 -16.29
CA SER B 16 -4.78 -15.52 -15.36
C SER B 16 -4.97 -14.09 -15.85
N GLY B 17 -6.12 -13.84 -16.49
CA GLY B 17 -6.40 -12.52 -17.00
C GLY B 17 -6.89 -11.59 -15.91
N ILE B 18 -6.30 -10.40 -15.82
CA ILE B 18 -6.69 -9.43 -14.79
C ILE B 18 -7.43 -8.32 -15.52
N PRO B 19 -8.75 -8.25 -15.34
CA PRO B 19 -9.57 -7.23 -16.00
C PRO B 19 -9.44 -5.84 -15.41
N ILE B 20 -9.58 -4.84 -16.27
CA ILE B 20 -9.56 -3.46 -15.81
C ILE B 20 -10.96 -3.21 -15.24
N THR B 21 -11.10 -2.13 -14.47
CA THR B 21 -12.40 -1.73 -13.97
C THR B 21 -12.65 -0.41 -14.69
N PRO B 22 -13.52 -0.42 -15.72
CA PRO B 22 -13.81 0.81 -16.46
C PRO B 22 -14.40 1.89 -15.58
N PHE B 23 -13.82 3.09 -15.59
CA PHE B 23 -14.33 4.19 -14.79
C PHE B 23 -14.72 5.33 -15.73
N ARG B 24 -15.87 5.96 -15.46
CA ARG B 24 -16.33 7.07 -16.29
C ARG B 24 -15.49 8.31 -16.08
N LYS B 25 -15.18 9.00 -17.17
CA LYS B 25 -14.38 10.22 -17.09
C LYS B 25 -15.18 11.32 -16.38
N SER B 26 -16.49 11.29 -16.58
CA SER B 26 -17.38 12.29 -15.99
C SER B 26 -17.39 12.34 -14.46
N ASP B 27 -17.58 11.20 -13.81
CA ASP B 27 -17.62 11.17 -12.34
C ASP B 27 -16.82 10.06 -11.69
N GLY B 28 -16.04 9.33 -12.50
CA GLY B 28 -15.23 8.26 -11.96
C GLY B 28 -15.99 7.01 -11.54
N SER B 29 -17.28 6.96 -11.81
CA SER B 29 -18.08 5.80 -11.42
C SER B 29 -17.77 4.61 -12.33
N ILE B 30 -18.04 3.41 -11.83
CA ILE B 30 -17.80 2.20 -12.60
C ILE B 30 -18.87 2.01 -13.67
N ASP B 31 -18.44 1.73 -14.90
CA ASP B 31 -19.39 1.49 -15.98
C ASP B 31 -19.43 -0.03 -16.12
N TRP B 32 -20.44 -0.64 -15.53
CA TRP B 32 -20.57 -2.09 -15.56
C TRP B 32 -20.83 -2.65 -16.95
N HIS B 33 -21.40 -1.83 -17.84
CA HIS B 33 -21.64 -2.29 -19.19
C HIS B 33 -20.27 -2.49 -19.84
N HIS B 34 -19.38 -1.53 -19.62
CA HIS B 34 -18.03 -1.63 -20.19
C HIS B 34 -17.29 -2.79 -19.52
N TYR B 35 -17.58 -3.02 -18.24
CA TYR B 35 -16.92 -4.11 -17.53
C TYR B 35 -17.33 -5.44 -18.17
N LYS B 36 -18.62 -5.58 -18.47
CA LYS B 36 -19.11 -6.80 -19.09
C LYS B 36 -18.41 -7.04 -20.43
N GLU B 37 -18.22 -5.96 -21.19
CA GLU B 37 -17.54 -6.04 -22.48
C GLU B 37 -16.12 -6.55 -22.31
N THR B 38 -15.47 -6.09 -21.23
CA THR B 38 -14.09 -6.49 -20.93
C THR B 38 -14.05 -7.96 -20.54
N VAL B 39 -14.96 -8.36 -19.67
CA VAL B 39 -15.03 -9.75 -19.23
C VAL B 39 -15.25 -10.65 -20.44
N ASP B 40 -16.17 -10.27 -21.32
CA ASP B 40 -16.46 -11.06 -22.52
C ASP B 40 -15.24 -11.16 -23.43
N ARG B 41 -14.57 -10.03 -23.68
CA ARG B 41 -13.40 -10.06 -24.55
C ARG B 41 -12.34 -11.02 -24.01
N ILE B 42 -12.19 -11.04 -22.69
CA ILE B 42 -11.21 -11.91 -22.06
C ILE B 42 -11.58 -13.39 -22.13
N VAL B 43 -12.72 -13.75 -21.55
CA VAL B 43 -13.14 -15.15 -21.51
C VAL B 43 -13.61 -15.76 -22.82
N ASP B 44 -14.05 -14.94 -23.77
CA ASP B 44 -14.50 -15.47 -25.05
C ASP B 44 -13.36 -15.64 -26.03
N ASN B 45 -12.14 -15.32 -25.60
CA ASN B 45 -10.99 -15.45 -26.49
C ASN B 45 -9.86 -16.32 -25.97
N GLY B 46 -10.20 -17.39 -25.27
CA GLY B 46 -9.18 -18.31 -24.80
C GLY B 46 -8.68 -18.22 -23.37
N ILE B 47 -9.11 -17.21 -22.62
CA ILE B 47 -8.66 -17.07 -21.23
C ILE B 47 -9.63 -17.79 -20.31
N ASP B 48 -9.11 -18.72 -19.52
CA ASP B 48 -9.95 -19.54 -18.64
C ASP B 48 -9.90 -19.20 -17.15
N VAL B 49 -9.15 -18.17 -16.80
CA VAL B 49 -9.05 -17.72 -15.42
C VAL B 49 -9.12 -16.20 -15.44
N ILE B 50 -10.05 -15.63 -14.68
CA ILE B 50 -10.19 -14.18 -14.64
C ILE B 50 -10.08 -13.76 -13.18
N VAL B 51 -9.39 -12.65 -12.94
CA VAL B 51 -9.14 -12.20 -11.57
C VAL B 51 -9.68 -10.81 -11.22
N PRO B 52 -10.97 -10.71 -10.88
CA PRO B 52 -11.52 -9.40 -10.53
C PRO B 52 -10.82 -8.92 -9.25
N CYS B 53 -10.77 -7.60 -9.05
CA CYS B 53 -10.12 -7.05 -7.88
C CYS B 53 -8.62 -7.31 -7.86
N GLY B 54 -8.04 -7.43 -9.05
CA GLY B 54 -6.61 -7.63 -9.17
C GLY B 54 -6.02 -6.23 -9.23
N ASN B 55 -4.71 -6.10 -9.31
CA ASN B 55 -4.15 -4.76 -9.35
C ASN B 55 -4.41 -4.05 -10.68
N THR B 56 -4.56 -4.82 -11.76
CA THR B 56 -4.85 -4.22 -13.06
C THR B 56 -6.27 -3.66 -12.99
N SER B 57 -7.07 -4.21 -12.08
CA SER B 57 -8.46 -3.79 -11.88
C SER B 57 -8.52 -2.54 -11.00
N GLU B 58 -7.36 -2.07 -10.56
CA GLU B 58 -7.26 -0.90 -9.69
C GLU B 58 -8.01 -1.15 -8.38
N PHE B 59 -7.79 -2.34 -7.82
CA PHE B 59 -8.40 -2.77 -6.57
C PHE B 59 -8.36 -1.72 -5.46
N TYR B 60 -7.19 -1.14 -5.22
CA TYR B 60 -7.06 -0.16 -4.14
C TYR B 60 -7.78 1.17 -4.38
N ALA B 61 -8.28 1.37 -5.59
CA ALA B 61 -9.02 2.60 -5.90
C ALA B 61 -10.53 2.35 -5.73
N LEU B 62 -10.87 1.11 -5.35
CA LEU B 62 -12.27 0.74 -5.15
C LEU B 62 -12.64 0.75 -3.67
N SER B 63 -13.88 1.09 -3.36
CA SER B 63 -14.33 1.05 -1.97
C SER B 63 -14.53 -0.44 -1.72
N LEU B 64 -14.68 -0.82 -0.45
CA LEU B 64 -14.88 -2.24 -0.13
C LEU B 64 -16.14 -2.76 -0.80
N GLU B 65 -17.18 -1.94 -0.84
CA GLU B 65 -18.44 -2.34 -1.46
C GLU B 65 -18.28 -2.50 -2.98
N GLU B 66 -17.51 -1.62 -3.60
CA GLU B 66 -17.29 -1.72 -5.04
C GLU B 66 -16.49 -2.98 -5.37
N ALA B 67 -15.56 -3.33 -4.49
CA ALA B 67 -14.74 -4.53 -4.69
C ALA B 67 -15.64 -5.76 -4.64
N LYS B 68 -16.53 -5.81 -3.64
CA LYS B 68 -17.43 -6.95 -3.51
C LYS B 68 -18.34 -7.04 -4.72
N GLU B 69 -18.90 -5.91 -5.14
CA GLU B 69 -19.80 -5.88 -6.29
C GLU B 69 -19.08 -6.31 -7.56
N GLU B 70 -17.81 -5.94 -7.71
CA GLU B 70 -17.09 -6.35 -8.91
C GLU B 70 -16.99 -7.87 -8.98
N VAL B 71 -16.74 -8.50 -7.85
CA VAL B 71 -16.65 -9.96 -7.83
C VAL B 71 -18.02 -10.54 -8.21
N ARG B 72 -19.08 -9.99 -7.65
CA ARG B 72 -20.43 -10.49 -7.96
C ARG B 72 -20.73 -10.33 -9.45
N ARG B 73 -20.44 -9.14 -10.00
CA ARG B 73 -20.67 -8.86 -11.41
C ARG B 73 -19.88 -9.83 -12.29
N THR B 74 -18.65 -10.13 -11.90
CA THR B 74 -17.81 -11.04 -12.68
C THR B 74 -18.43 -12.43 -12.75
N VAL B 75 -18.88 -12.94 -11.61
CA VAL B 75 -19.51 -14.26 -11.58
C VAL B 75 -20.70 -14.28 -12.52
N GLU B 76 -21.49 -13.20 -12.51
CA GLU B 76 -22.66 -13.11 -13.37
C GLU B 76 -22.28 -13.06 -14.85
N TYR B 77 -21.38 -12.16 -15.21
CA TYR B 77 -20.98 -12.01 -16.60
C TYR B 77 -20.20 -13.17 -17.18
N VAL B 78 -19.46 -13.88 -16.31
CA VAL B 78 -18.67 -15.03 -16.76
C VAL B 78 -19.55 -16.28 -16.88
N HIS B 79 -20.48 -16.41 -15.93
CA HIS B 79 -21.39 -17.54 -15.87
C HIS B 79 -20.81 -18.89 -16.31
N GLY B 80 -19.81 -19.35 -15.57
CA GLY B 80 -19.19 -20.64 -15.85
C GLY B 80 -18.15 -20.75 -16.95
N ARG B 81 -17.97 -19.71 -17.76
CA ARG B 81 -17.00 -19.76 -18.85
C ARG B 81 -15.53 -19.76 -18.40
N ALA B 82 -15.28 -19.44 -17.14
CA ALA B 82 -13.92 -19.42 -16.62
C ALA B 82 -13.92 -19.43 -15.11
N LEU B 83 -12.76 -19.75 -14.53
CA LEU B 83 -12.63 -19.76 -13.09
C LEU B 83 -12.55 -18.30 -12.67
N VAL B 84 -13.20 -17.97 -11.56
CA VAL B 84 -13.19 -16.61 -11.04
C VAL B 84 -12.40 -16.58 -9.74
N VAL B 85 -11.29 -15.84 -9.75
CA VAL B 85 -10.43 -15.71 -8.58
C VAL B 85 -10.57 -14.28 -8.07
N ALA B 86 -11.07 -14.14 -6.84
CA ALA B 86 -11.30 -12.83 -6.25
C ALA B 86 -10.12 -12.26 -5.46
N GLY B 87 -9.67 -11.08 -5.89
CA GLY B 87 -8.58 -10.44 -5.18
C GLY B 87 -9.12 -9.89 -3.86
N ILE B 88 -8.37 -10.09 -2.79
CA ILE B 88 -8.75 -9.60 -1.46
C ILE B 88 -7.51 -9.02 -0.78
N GLY B 89 -7.71 -8.24 0.27
CA GLY B 89 -6.57 -7.65 0.96
C GLY B 89 -6.94 -6.82 2.17
N TYR B 90 -6.03 -5.93 2.58
CA TYR B 90 -6.20 -5.04 3.74
C TYR B 90 -5.99 -5.77 5.07
N ALA B 91 -6.51 -5.21 6.16
CA ALA B 91 -6.36 -5.85 7.47
C ALA B 91 -6.90 -7.27 7.39
N THR B 92 -6.35 -8.18 8.19
CA THR B 92 -6.79 -9.57 8.16
C THR B 92 -8.31 -9.75 8.25
N SER B 93 -8.96 -9.05 9.19
CA SER B 93 -10.41 -9.18 9.32
C SER B 93 -11.10 -8.72 8.04
N THR B 94 -10.60 -7.64 7.45
CA THR B 94 -11.15 -7.09 6.22
C THR B 94 -10.96 -8.07 5.06
N ALA B 95 -9.78 -8.66 4.98
CA ALA B 95 -9.49 -9.62 3.90
C ALA B 95 -10.44 -10.80 4.04
N ILE B 96 -10.66 -11.24 5.27
CA ILE B 96 -11.55 -12.36 5.53
C ILE B 96 -12.98 -12.00 5.13
N GLU B 97 -13.38 -10.75 5.39
CA GLU B 97 -14.71 -10.28 5.03
C GLU B 97 -14.87 -10.33 3.51
N LEU B 98 -13.88 -9.80 2.81
CA LEU B 98 -13.91 -9.79 1.34
C LEU B 98 -13.88 -11.22 0.80
N GLY B 99 -13.10 -12.08 1.44
CA GLY B 99 -13.00 -13.46 1.01
C GLY B 99 -14.31 -14.20 1.16
N ASN B 100 -14.96 -14.04 2.32
CA ASN B 100 -16.23 -14.69 2.57
C ASN B 100 -17.30 -14.16 1.62
N ALA B 101 -17.18 -12.89 1.24
CA ALA B 101 -18.13 -12.28 0.31
C ALA B 101 -17.96 -12.90 -1.08
N ALA B 102 -16.71 -13.08 -1.50
CA ALA B 102 -16.42 -13.68 -2.80
C ALA B 102 -16.94 -15.12 -2.83
N LYS B 103 -16.76 -15.84 -1.73
CA LYS B 103 -17.23 -17.22 -1.64
C LYS B 103 -18.74 -17.27 -1.82
N ALA B 104 -19.44 -16.42 -1.08
CA ALA B 104 -20.90 -16.37 -1.17
C ALA B 104 -21.36 -15.95 -2.56
N ALA B 105 -20.59 -15.09 -3.22
CA ALA B 105 -20.93 -14.61 -4.56
C ALA B 105 -20.79 -15.69 -5.62
N GLY B 106 -19.99 -16.71 -5.35
CA GLY B 106 -19.80 -17.77 -6.32
C GLY B 106 -18.41 -17.85 -6.91
N ALA B 107 -17.45 -17.15 -6.31
CA ALA B 107 -16.08 -17.18 -6.81
C ALA B 107 -15.53 -18.58 -6.59
N ASP B 108 -14.48 -18.93 -7.33
CA ASP B 108 -13.86 -20.25 -7.22
C ASP B 108 -12.68 -20.26 -6.26
N ALA B 109 -12.08 -19.09 -6.07
CA ALA B 109 -10.94 -18.97 -5.18
C ALA B 109 -10.68 -17.49 -4.94
N VAL B 110 -9.73 -17.20 -4.07
CA VAL B 110 -9.34 -15.83 -3.78
C VAL B 110 -7.84 -15.68 -3.98
N MET B 111 -7.41 -14.46 -4.29
CA MET B 111 -5.99 -14.15 -4.44
C MET B 111 -5.72 -13.12 -3.36
N ILE B 112 -4.85 -13.46 -2.41
CA ILE B 112 -4.54 -12.52 -1.35
C ILE B 112 -3.41 -11.62 -1.80
N HIS B 113 -3.71 -10.33 -1.94
CA HIS B 113 -2.71 -9.35 -2.35
C HIS B 113 -1.61 -9.31 -1.31
N MET B 114 -0.44 -8.80 -1.70
CA MET B 114 0.66 -8.65 -0.76
C MET B 114 0.15 -7.56 0.18
N PRO B 115 0.32 -7.73 1.50
CA PRO B 115 -0.16 -6.68 2.40
C PRO B 115 0.51 -5.33 2.07
N ILE B 116 -0.25 -4.24 2.16
CA ILE B 116 0.32 -2.93 1.86
C ILE B 116 0.86 -2.16 3.05
N HIS B 117 0.88 -2.80 4.21
CA HIS B 117 1.39 -2.14 5.42
C HIS B 117 2.84 -1.69 5.19
N PRO B 118 3.20 -0.46 5.61
CA PRO B 118 4.57 0.00 5.40
C PRO B 118 5.58 -0.81 6.20
N TYR B 119 5.12 -1.46 7.27
CA TYR B 119 6.01 -2.26 8.10
C TYR B 119 5.61 -3.73 8.02
N VAL B 120 6.53 -4.55 7.51
CA VAL B 120 6.29 -5.98 7.40
C VAL B 120 7.56 -6.75 7.73
N THR B 121 7.41 -7.94 8.29
CA THR B 121 8.55 -8.81 8.61
C THR B 121 8.17 -10.21 8.13
N ALA B 122 9.17 -11.04 7.83
CA ALA B 122 8.91 -12.39 7.34
C ALA B 122 7.93 -13.17 8.21
N GLY B 123 8.20 -13.23 9.51
CA GLY B 123 7.31 -13.97 10.40
C GLY B 123 5.89 -13.44 10.37
N GLY B 124 5.77 -12.12 10.30
CA GLY B 124 4.47 -11.48 10.27
C GLY B 124 3.71 -11.71 8.97
N VAL B 125 4.43 -11.72 7.84
CA VAL B 125 3.81 -11.94 6.55
C VAL B 125 3.30 -13.37 6.48
N TYR B 126 4.09 -14.30 7.01
CA TYR B 126 3.67 -15.69 7.04
C TYR B 126 2.35 -15.77 7.81
N ALA B 127 2.31 -15.19 9.00
CA ALA B 127 1.11 -15.20 9.82
C ALA B 127 -0.05 -14.52 9.11
N TYR B 128 0.23 -13.41 8.45
CA TYR B 128 -0.80 -12.67 7.71
C TYR B 128 -1.53 -13.60 6.73
N PHE B 129 -0.77 -14.23 5.84
CA PHE B 129 -1.36 -15.12 4.86
C PHE B 129 -1.99 -16.35 5.50
N ARG B 130 -1.27 -16.95 6.45
CA ARG B 130 -1.78 -18.14 7.12
C ARG B 130 -3.12 -17.89 7.79
N ASP B 131 -3.22 -16.82 8.57
CA ASP B 131 -4.47 -16.50 9.27
C ASP B 131 -5.66 -16.37 8.34
N ILE B 132 -5.46 -15.69 7.22
CA ILE B 132 -6.53 -15.49 6.25
C ILE B 132 -6.94 -16.80 5.58
N ILE B 133 -5.96 -17.58 5.15
CA ILE B 133 -6.26 -18.86 4.50
C ILE B 133 -6.98 -19.82 5.44
N GLU B 134 -6.51 -19.92 6.67
CA GLU B 134 -7.16 -20.83 7.62
C GLU B 134 -8.58 -20.37 7.97
N ALA B 135 -8.78 -19.07 8.12
CA ALA B 135 -10.10 -18.54 8.44
C ALA B 135 -11.09 -18.76 7.30
N LEU B 136 -10.63 -18.56 6.07
CA LEU B 136 -11.50 -18.72 4.92
C LEU B 136 -11.82 -20.16 4.55
N ASP B 137 -10.85 -21.05 4.73
CA ASP B 137 -11.02 -22.46 4.39
C ASP B 137 -11.61 -22.51 2.98
N PHE B 138 -10.93 -21.83 2.06
CA PHE B 138 -11.36 -21.73 0.67
C PHE B 138 -10.07 -21.66 -0.17
N PRO B 139 -10.11 -22.18 -1.41
CA PRO B 139 -8.90 -22.13 -2.26
C PRO B 139 -8.32 -20.73 -2.31
N SER B 140 -7.02 -20.62 -2.04
CA SER B 140 -6.36 -19.33 -2.02
C SER B 140 -5.03 -19.30 -2.75
N LEU B 141 -4.72 -18.13 -3.31
CA LEU B 141 -3.44 -17.89 -3.96
C LEU B 141 -2.87 -16.69 -3.23
N VAL B 142 -1.55 -16.54 -3.24
CA VAL B 142 -0.93 -15.39 -2.60
C VAL B 142 -0.08 -14.67 -3.64
N TYR B 143 -0.09 -13.34 -3.58
CA TYR B 143 0.70 -12.51 -4.49
C TYR B 143 1.93 -12.12 -3.67
N PHE B 144 3.06 -12.71 -4.02
CA PHE B 144 4.33 -12.51 -3.31
C PHE B 144 5.23 -11.59 -4.12
N LYS B 145 5.41 -10.35 -3.68
CA LYS B 145 6.21 -9.40 -4.45
C LYS B 145 7.24 -8.54 -3.74
N ASP B 146 7.44 -8.74 -2.44
CA ASP B 146 8.41 -7.94 -1.70
C ASP B 146 9.75 -8.68 -1.56
N PRO B 147 10.79 -8.22 -2.26
CA PRO B 147 12.11 -8.88 -2.19
C PRO B 147 12.70 -8.91 -0.79
N GLU B 148 12.24 -8.00 0.07
CA GLU B 148 12.75 -7.91 1.43
C GLU B 148 12.22 -9.03 2.33
N ILE B 149 11.23 -9.76 1.83
CA ILE B 149 10.65 -10.86 2.59
C ILE B 149 11.16 -12.20 2.06
N SER B 150 11.74 -12.99 2.95
CA SER B 150 12.30 -14.30 2.60
C SER B 150 11.33 -15.26 1.93
N ASP B 151 11.84 -16.02 0.97
CA ASP B 151 11.03 -17.02 0.28
C ASP B 151 10.65 -18.12 1.25
N ARG B 152 11.31 -18.15 2.41
CA ARG B 152 11.00 -19.14 3.43
C ARG B 152 9.51 -19.07 3.79
N VAL B 153 8.94 -17.86 3.66
CA VAL B 153 7.53 -17.66 3.94
C VAL B 153 6.67 -18.59 3.08
N LEU B 154 7.04 -18.73 1.81
CA LEU B 154 6.30 -19.58 0.88
C LEU B 154 6.50 -21.05 1.24
N VAL B 155 7.73 -21.41 1.60
CA VAL B 155 8.03 -22.78 1.98
C VAL B 155 7.17 -23.18 3.18
N ASP B 156 7.02 -22.25 4.13
CA ASP B 156 6.23 -22.54 5.33
C ASP B 156 4.73 -22.54 5.11
N LEU B 157 4.25 -21.81 4.11
CA LEU B 157 2.82 -21.76 3.81
C LEU B 157 2.38 -22.93 2.94
N ALA B 158 3.30 -23.45 2.14
CA ALA B 158 3.01 -24.55 1.21
C ALA B 158 2.15 -25.69 1.73
N PRO B 159 2.40 -26.17 2.97
CA PRO B 159 1.62 -27.27 3.53
C PRO B 159 0.12 -27.02 3.65
N LEU B 160 -0.29 -25.76 3.73
CA LEU B 160 -1.70 -25.44 3.85
C LEU B 160 -2.50 -26.06 2.72
N GLN B 161 -3.49 -26.87 3.08
CA GLN B 161 -4.33 -27.53 2.09
C GLN B 161 -4.99 -26.57 1.11
N ASN B 162 -5.41 -25.41 1.59
CA ASN B 162 -6.07 -24.46 0.72
C ASN B 162 -5.19 -23.49 -0.05
N LEU B 163 -3.87 -23.61 0.10
CA LEU B 163 -2.98 -22.75 -0.68
C LEU B 163 -2.80 -23.53 -1.99
N VAL B 164 -3.45 -23.04 -3.05
CA VAL B 164 -3.38 -23.73 -4.33
C VAL B 164 -2.43 -23.13 -5.33
N GLY B 165 -1.91 -21.94 -5.03
CA GLY B 165 -0.99 -21.32 -5.96
C GLY B 165 -0.31 -20.09 -5.44
N VAL B 166 0.77 -19.72 -6.10
CA VAL B 166 1.53 -18.54 -5.72
C VAL B 166 1.84 -17.72 -6.97
N LYS B 167 1.47 -16.45 -6.95
CA LYS B 167 1.77 -15.57 -8.06
C LYS B 167 3.07 -14.92 -7.59
N TYR B 168 4.19 -15.49 -8.02
CA TYR B 168 5.50 -14.99 -7.63
C TYR B 168 5.79 -13.75 -8.46
N ALA B 169 5.97 -12.62 -7.78
CA ALA B 169 6.17 -11.35 -8.46
C ALA B 169 7.48 -10.62 -8.16
N ILE B 170 8.50 -11.39 -7.80
CA ILE B 170 9.82 -10.83 -7.54
C ILE B 170 10.60 -11.30 -8.76
N ASN B 171 11.07 -10.36 -9.57
CA ASN B 171 11.80 -10.73 -10.78
C ASN B 171 13.26 -11.08 -10.51
N ASP B 172 13.42 -12.09 -9.68
CA ASP B 172 14.74 -12.60 -9.30
C ASP B 172 14.67 -14.07 -9.69
N LEU B 173 15.18 -14.40 -10.88
CA LEU B 173 15.12 -15.77 -11.37
C LEU B 173 15.79 -16.82 -10.48
N PRO B 174 17.01 -16.55 -9.98
CA PRO B 174 17.62 -17.57 -9.12
C PRO B 174 16.75 -17.84 -7.89
N ARG B 175 16.18 -16.79 -7.32
CA ARG B 175 15.31 -16.96 -6.16
C ARG B 175 14.09 -17.79 -6.51
N PHE B 176 13.44 -17.45 -7.62
CA PHE B 176 12.26 -18.18 -8.06
C PHE B 176 12.57 -19.64 -8.33
N ALA B 177 13.65 -19.90 -9.08
CA ALA B 177 14.01 -21.28 -9.40
C ALA B 177 14.26 -22.12 -8.15
N LYS B 178 14.86 -21.49 -7.14
CA LYS B 178 15.17 -22.20 -5.90
C LYS B 178 13.93 -22.48 -5.04
N VAL B 179 13.03 -21.51 -4.91
CA VAL B 179 11.85 -21.74 -4.08
C VAL B 179 10.96 -22.81 -4.71
N VAL B 180 10.87 -22.83 -6.03
CA VAL B 180 10.07 -23.85 -6.70
C VAL B 180 10.62 -25.22 -6.35
N ARG B 181 11.93 -25.32 -6.25
CA ARG B 181 12.59 -26.58 -5.94
C ARG B 181 12.79 -26.83 -4.44
N SER B 182 12.25 -25.96 -3.60
CA SER B 182 12.38 -26.09 -2.16
C SER B 182 11.09 -26.61 -1.52
N ILE B 183 10.06 -26.77 -2.33
CA ILE B 183 8.78 -27.25 -1.84
C ILE B 183 8.47 -28.59 -2.51
N PRO B 184 8.20 -29.63 -1.70
CA PRO B 184 7.90 -30.97 -2.22
C PRO B 184 6.62 -31.02 -3.07
N GLU B 185 6.59 -31.96 -4.02
CA GLU B 185 5.44 -32.11 -4.89
C GLU B 185 4.20 -32.37 -4.05
N GLU B 186 4.43 -32.90 -2.86
CA GLU B 186 3.36 -33.22 -1.92
C GLU B 186 2.43 -32.04 -1.63
N HIS B 187 2.95 -30.82 -1.72
CA HIS B 187 2.12 -29.65 -1.43
C HIS B 187 1.36 -29.08 -2.62
N GLN B 188 1.67 -29.58 -3.81
CA GLN B 188 1.00 -29.17 -5.04
C GLN B 188 0.68 -27.68 -5.10
N ILE B 189 1.60 -26.89 -5.65
CA ILE B 189 1.40 -25.46 -5.76
C ILE B 189 1.50 -25.05 -7.23
N ALA B 190 0.52 -24.26 -7.69
CA ALA B 190 0.57 -23.79 -9.07
C ALA B 190 1.51 -22.59 -9.02
N TRP B 191 2.62 -22.66 -9.76
CA TRP B 191 3.57 -21.55 -9.78
C TRP B 191 3.26 -20.64 -10.95
N ILE B 192 2.83 -19.42 -10.64
CA ILE B 192 2.44 -18.43 -11.64
C ILE B 192 3.36 -17.21 -11.70
N CYS B 193 3.78 -16.83 -12.89
CA CYS B 193 4.61 -15.65 -13.03
C CYS B 193 3.68 -14.46 -12.87
N GLY B 194 3.84 -13.71 -11.77
CA GLY B 194 2.96 -12.59 -11.51
C GLY B 194 3.37 -11.29 -12.17
N THR B 195 4.40 -11.32 -13.02
CA THR B 195 4.87 -10.10 -13.67
C THR B 195 4.62 -10.03 -15.19
N ALA B 196 3.70 -10.87 -15.65
CA ALA B 196 3.24 -10.91 -17.04
C ALA B 196 4.19 -11.34 -18.15
N GLU B 197 3.74 -11.12 -19.38
CA GLU B 197 4.46 -11.51 -20.58
C GLU B 197 5.93 -11.18 -20.74
N LYS B 198 6.38 -10.02 -20.26
CA LYS B 198 7.79 -9.68 -20.39
C LYS B 198 8.65 -10.70 -19.64
N TRP B 199 8.15 -11.18 -18.51
CA TRP B 199 8.91 -12.12 -17.71
C TRP B 199 8.51 -13.59 -17.81
N ALA B 200 7.35 -13.86 -18.38
CA ALA B 200 6.84 -15.23 -18.52
C ALA B 200 7.80 -16.26 -19.13
N PRO B 201 8.50 -15.91 -20.23
CA PRO B 201 9.42 -16.90 -20.82
C PRO B 201 10.52 -17.35 -19.86
N PHE B 202 11.07 -16.39 -19.12
CA PHE B 202 12.14 -16.66 -18.17
C PHE B 202 11.63 -17.46 -16.98
N PHE B 203 10.49 -17.09 -16.44
CA PHE B 203 9.90 -17.81 -15.32
C PHE B 203 9.52 -19.22 -15.77
N TRP B 204 9.01 -19.34 -16.98
CA TRP B 204 8.58 -20.64 -17.49
C TRP B 204 9.75 -21.63 -17.50
N HIS B 205 10.89 -21.18 -18.02
CA HIS B 205 12.09 -22.02 -18.08
C HIS B 205 12.51 -22.43 -16.67
N ALA B 206 12.28 -21.55 -15.70
CA ALA B 206 12.65 -21.81 -14.31
C ALA B 206 11.63 -22.62 -13.50
N GLY B 207 10.47 -22.90 -14.07
CA GLY B 207 9.49 -23.71 -13.34
C GLY B 207 8.04 -23.25 -13.30
N ALA B 208 7.77 -22.03 -13.75
CA ALA B 208 6.40 -21.53 -13.73
C ALA B 208 5.58 -22.22 -14.82
N LYS B 209 4.28 -22.41 -14.56
CA LYS B 209 3.42 -23.05 -15.54
C LYS B 209 2.19 -22.22 -15.87
N GLY B 210 2.28 -20.92 -15.55
CA GLY B 210 1.19 -20.00 -15.83
C GLY B 210 1.71 -18.59 -15.65
N PHE B 211 0.93 -17.61 -16.06
CA PHE B 211 1.34 -16.22 -15.90
C PHE B 211 0.12 -15.29 -15.91
N THR B 212 0.26 -14.14 -15.25
CA THR B 212 -0.82 -13.16 -15.21
C THR B 212 -0.71 -12.30 -16.45
N SER B 213 -1.79 -11.60 -16.79
CA SER B 213 -1.75 -10.76 -17.98
C SER B 213 -2.76 -9.63 -17.95
N GLY B 214 -2.28 -8.43 -18.28
CA GLY B 214 -3.16 -7.27 -18.35
C GLY B 214 -3.41 -7.04 -19.84
N LEU B 215 -2.52 -7.59 -20.65
CA LEU B 215 -2.62 -7.47 -22.10
C LEU B 215 -3.92 -8.06 -22.62
N VAL B 216 -4.45 -9.08 -21.93
CA VAL B 216 -5.70 -9.71 -22.37
C VAL B 216 -6.87 -8.74 -22.45
N ASN B 217 -6.76 -7.59 -21.77
CA ASN B 217 -7.85 -6.60 -21.82
C ASN B 217 -8.07 -6.04 -23.21
N LEU B 218 -7.02 -6.04 -24.04
CA LEU B 218 -7.16 -5.52 -25.39
C LEU B 218 -6.81 -6.53 -26.48
N LEU B 219 -5.82 -7.38 -26.23
CA LEU B 219 -5.37 -8.36 -27.21
C LEU B 219 -5.11 -9.73 -26.59
N PRO B 220 -6.16 -10.41 -26.13
CA PRO B 220 -6.02 -11.73 -25.52
C PRO B 220 -5.36 -12.79 -26.39
N GLN B 221 -5.48 -12.66 -27.71
CA GLN B 221 -4.88 -13.64 -28.61
C GLN B 221 -3.35 -13.64 -28.53
N LYS B 222 -2.75 -12.48 -28.26
CA LYS B 222 -1.29 -12.41 -28.14
C LYS B 222 -0.82 -13.16 -26.91
N ALA B 223 -1.58 -13.05 -25.82
CA ALA B 223 -1.24 -13.74 -24.60
C ALA B 223 -1.38 -15.24 -24.83
N VAL B 224 -2.45 -15.64 -25.51
CA VAL B 224 -2.69 -17.04 -25.80
C VAL B 224 -1.57 -17.61 -26.66
N GLU B 225 -1.09 -16.83 -27.62
CA GLU B 225 -0.01 -17.29 -28.49
C GLU B 225 1.24 -17.60 -27.67
N MET B 226 1.54 -16.75 -26.68
CA MET B 226 2.72 -16.97 -25.85
C MET B 226 2.56 -18.24 -25.02
N LEU B 227 1.39 -18.43 -24.43
CA LEU B 227 1.14 -19.61 -23.60
C LEU B 227 1.29 -20.88 -24.42
N GLU B 228 0.72 -20.89 -25.61
CA GLU B 228 0.79 -22.08 -26.45
C GLU B 228 2.23 -22.36 -26.90
N ALA B 229 2.96 -21.31 -27.27
CA ALA B 229 4.35 -21.47 -27.69
C ALA B 229 5.18 -22.04 -26.54
N LEU B 230 4.97 -21.51 -25.34
CA LEU B 230 5.70 -21.99 -24.17
C LEU B 230 5.38 -23.46 -23.90
N ARG B 231 4.09 -23.79 -23.93
CA ARG B 231 3.66 -25.16 -23.67
C ARG B 231 4.19 -26.14 -24.72
N ASN B 232 4.34 -25.68 -25.96
CA ASN B 232 4.84 -26.54 -27.03
C ASN B 232 6.36 -26.54 -27.10
N ASN B 233 6.99 -25.76 -26.22
CA ASN B 233 8.45 -25.67 -26.21
C ASN B 233 8.96 -25.20 -27.56
N ASP B 234 8.18 -24.34 -28.21
CA ASP B 234 8.56 -23.78 -29.50
C ASP B 234 9.34 -22.49 -29.20
N ASN B 235 10.63 -22.65 -28.91
CA ASN B 235 11.48 -21.52 -28.57
C ASN B 235 11.49 -20.34 -29.55
N ASP B 236 11.60 -20.64 -30.84
CA ASP B 236 11.62 -19.55 -31.83
C ASP B 236 10.33 -18.73 -31.75
N ALA B 237 9.20 -19.39 -31.56
CA ALA B 237 7.91 -18.70 -31.46
C ALA B 237 7.83 -17.87 -30.18
N VAL B 238 8.30 -18.45 -29.08
CA VAL B 238 8.27 -17.77 -27.79
C VAL B 238 8.98 -16.43 -27.88
N TRP B 239 10.22 -16.45 -28.37
CA TRP B 239 11.01 -15.22 -28.48
C TRP B 239 10.42 -14.21 -29.46
N ARG B 240 9.79 -14.71 -30.52
CA ARG B 240 9.19 -13.83 -31.51
C ARG B 240 8.03 -13.08 -30.86
N ILE B 241 7.16 -13.83 -30.18
CA ILE B 241 6.00 -13.24 -29.51
C ILE B 241 6.48 -12.31 -28.39
N TRP B 242 7.49 -12.76 -27.66
CA TRP B 242 8.06 -11.97 -26.57
C TRP B 242 8.55 -10.60 -27.07
N GLU B 243 9.40 -10.59 -28.09
CA GLU B 243 9.92 -9.34 -28.63
C GLU B 243 8.79 -8.43 -29.09
N ASP B 244 7.72 -9.04 -29.59
CA ASP B 244 6.56 -8.32 -30.08
C ASP B 244 5.79 -7.62 -28.96
N ILE B 245 5.73 -8.24 -27.79
CA ILE B 245 5.00 -7.69 -26.65
C ILE B 245 5.78 -6.81 -25.67
N VAL B 246 7.09 -7.04 -25.55
CA VAL B 246 7.91 -6.28 -24.60
C VAL B 246 7.76 -4.76 -24.60
N PRO B 247 7.78 -4.11 -25.78
CA PRO B 247 7.65 -2.65 -25.80
C PRO B 247 6.39 -2.16 -25.08
N PHE B 248 5.30 -2.89 -25.22
CA PHE B 248 4.04 -2.52 -24.59
C PHE B 248 4.18 -2.63 -23.08
N GLU B 249 4.79 -3.72 -22.61
CA GLU B 249 4.98 -3.92 -21.18
C GLU B 249 5.93 -2.87 -20.60
N ASP B 250 6.95 -2.48 -21.36
CA ASP B 250 7.88 -1.47 -20.87
C ASP B 250 7.19 -0.11 -20.77
N LEU B 251 6.28 0.17 -21.70
CA LEU B 251 5.58 1.44 -21.67
C LEU B 251 4.66 1.48 -20.44
N ARG B 252 4.05 0.34 -20.13
CA ARG B 252 3.17 0.22 -18.96
C ARG B 252 4.00 0.40 -17.68
N GLY B 253 5.24 -0.06 -17.75
CA GLY B 253 6.13 0.02 -16.59
C GLY B 253 6.75 1.37 -16.27
N LYS B 254 6.54 2.36 -17.14
CA LYS B 254 7.11 3.69 -16.90
C LYS B 254 6.66 4.31 -15.58
N TYR B 255 7.55 5.12 -15.00
CA TYR B 255 7.28 5.81 -13.74
C TYR B 255 7.05 4.81 -12.61
N ASN B 256 7.94 3.83 -12.49
CA ASN B 256 7.82 2.83 -11.44
C ASN B 256 6.45 2.16 -11.48
N GLN B 257 5.99 1.81 -12.68
CA GLN B 257 4.71 1.13 -12.88
C GLN B 257 3.48 2.06 -12.80
N GLY B 258 3.71 3.36 -12.68
CA GLY B 258 2.58 4.27 -12.61
C GLY B 258 1.71 4.18 -13.86
N ASN B 259 2.33 3.84 -14.98
CA ASN B 259 1.65 3.72 -16.27
C ASN B 259 0.95 2.37 -16.49
N ASN B 260 1.13 1.45 -15.55
CA ASN B 260 0.59 0.10 -15.69
C ASN B 260 -0.82 -0.10 -16.23
N VAL B 261 -1.78 0.63 -15.68
CA VAL B 261 -3.17 0.50 -16.13
C VAL B 261 -3.60 1.59 -17.11
N VAL B 262 -3.16 2.81 -16.86
CA VAL B 262 -3.55 3.90 -17.75
C VAL B 262 -3.12 3.66 -19.20
N VAL B 263 -1.97 3.02 -19.40
CA VAL B 263 -1.52 2.72 -20.76
C VAL B 263 -2.50 1.73 -21.41
N ILE B 264 -2.94 0.74 -20.64
CA ILE B 264 -3.90 -0.24 -21.12
C ILE B 264 -5.21 0.44 -21.53
N LYS B 265 -5.71 1.31 -20.66
CA LYS B 265 -6.97 2.00 -20.93
C LYS B 265 -6.93 2.93 -22.13
N GLU B 266 -5.86 3.69 -22.28
CA GLU B 266 -5.78 4.61 -23.41
C GLU B 266 -5.53 3.85 -24.70
N ALA B 267 -4.88 2.69 -24.59
CA ALA B 267 -4.62 1.85 -25.77
C ALA B 267 -5.95 1.23 -26.22
N MET B 268 -6.73 0.75 -25.25
CA MET B 268 -8.04 0.15 -25.53
C MET B 268 -8.94 1.17 -26.22
N GLU B 269 -8.97 2.39 -25.70
CA GLU B 269 -9.81 3.45 -26.29
C GLU B 269 -9.39 3.75 -27.73
N MET B 270 -8.09 3.74 -28.00
CA MET B 270 -7.61 3.98 -29.36
C MET B 270 -8.08 2.87 -30.29
N LEU B 271 -8.25 1.67 -29.74
CA LEU B 271 -8.70 0.53 -30.54
C LEU B 271 -10.22 0.42 -30.50
N ARG B 272 -10.85 1.50 -30.06
CA ARG B 272 -12.31 1.59 -29.96
C ARG B 272 -12.92 0.57 -29.02
N GLN B 273 -12.18 0.22 -27.96
CA GLN B 273 -12.67 -0.71 -26.95
C GLN B 273 -12.97 0.20 -25.76
N ASN B 274 -14.07 -0.04 -25.08
CA ASN B 274 -14.48 0.78 -23.95
C ASN B 274 -13.73 0.52 -22.65
N ALA B 275 -13.01 1.53 -22.17
CA ALA B 275 -12.24 1.38 -20.93
C ALA B 275 -12.41 2.56 -20.00
N GLY B 276 -12.69 3.73 -20.55
CA GLY B 276 -12.83 4.90 -19.72
C GLY B 276 -11.45 5.34 -19.23
N VAL B 277 -11.39 5.85 -18.01
CA VAL B 277 -10.13 6.33 -17.45
C VAL B 277 -9.75 5.65 -16.14
N THR B 278 -8.58 6.00 -15.64
CA THR B 278 -8.11 5.47 -14.36
C THR B 278 -8.61 6.42 -13.28
N ARG B 279 -8.57 5.98 -12.02
CA ARG B 279 -8.98 6.84 -10.91
C ARG B 279 -7.72 7.35 -10.24
N ALA B 280 -7.79 8.54 -9.64
CA ALA B 280 -6.64 9.07 -8.92
C ALA B 280 -6.36 7.93 -7.93
N PRO B 281 -5.09 7.72 -7.55
CA PRO B 281 -3.82 8.39 -7.86
C PRO B 281 -3.15 8.26 -9.24
N VAL B 282 -3.91 7.99 -10.29
CA VAL B 282 -3.31 7.93 -11.62
C VAL B 282 -4.23 8.72 -12.56
N ASN B 283 -3.67 9.67 -13.29
CA ASN B 283 -4.48 10.45 -14.23
C ASN B 283 -4.11 10.07 -15.67
N GLU B 284 -4.53 10.87 -16.64
CA GLU B 284 -4.24 10.53 -18.04
C GLU B 284 -2.80 10.65 -18.48
N LEU B 285 -2.49 10.03 -19.62
CA LEU B 285 -1.14 10.06 -20.17
C LEU B 285 -0.78 11.44 -20.71
N SER B 286 0.51 11.73 -20.71
CA SER B 286 1.01 13.01 -21.24
C SER B 286 0.91 12.86 -22.75
N ASN B 287 1.10 13.97 -23.48
CA ASN B 287 1.03 13.90 -24.93
C ASN B 287 2.15 13.00 -25.42
N GLU B 288 3.31 13.08 -24.77
CA GLU B 288 4.45 12.26 -25.14
C GLU B 288 4.10 10.78 -25.09
N ASP B 289 3.52 10.34 -23.97
CA ASP B 289 3.16 8.94 -23.82
C ASP B 289 2.00 8.52 -24.73
N LYS B 290 1.08 9.44 -24.99
CA LYS B 290 -0.04 9.14 -25.88
C LYS B 290 0.53 8.80 -27.27
N GLN B 291 1.58 9.53 -27.65
CA GLN B 291 2.23 9.31 -28.94
C GLN B 291 2.94 7.96 -28.96
N LEU B 292 3.55 7.59 -27.83
CA LEU B 292 4.23 6.31 -27.74
C LEU B 292 3.24 5.15 -27.84
N VAL B 293 2.05 5.33 -27.28
CA VAL B 293 1.03 4.29 -27.35
C VAL B 293 0.56 4.16 -28.81
N THR B 294 0.41 5.31 -29.46
CA THR B 294 -0.02 5.34 -30.85
C THR B 294 0.99 4.61 -31.73
N GLU B 295 2.27 4.97 -31.58
CA GLU B 295 3.32 4.36 -32.38
C GLU B 295 3.42 2.86 -32.11
N LEU B 296 3.09 2.43 -30.90
CA LEU B 296 3.15 1.03 -30.55
C LEU B 296 2.01 0.26 -31.24
N LEU B 297 0.82 0.84 -31.20
CA LEU B 297 -0.34 0.21 -31.83
C LEU B 297 -0.14 0.20 -33.34
N SER B 298 0.52 1.23 -33.85
CA SER B 298 0.79 1.33 -35.27
C SER B 298 1.74 0.21 -35.67
N SER B 299 2.77 -0.03 -34.85
CA SER B 299 3.74 -1.08 -35.14
C SER B 299 3.07 -2.45 -35.09
N TRP B 300 2.07 -2.60 -34.23
CA TRP B 300 1.34 -3.87 -34.12
C TRP B 300 0.35 -3.99 -35.28
N LYS B 301 0.32 -2.95 -36.12
CA LYS B 301 -0.58 -2.91 -37.26
C LYS B 301 -2.03 -3.07 -36.83
N LEU B 302 -2.41 -2.30 -35.80
CA LEU B 302 -3.77 -2.33 -35.26
C LEU B 302 -4.58 -1.06 -35.51
N LEU B 303 -3.91 0.04 -35.83
CA LEU B 303 -4.61 1.29 -36.08
C LEU B 303 -5.19 1.32 -37.49
N GLN B 304 -6.36 1.94 -37.65
CA GLN B 304 -6.97 2.00 -38.98
C GLN B 304 -6.21 2.96 -39.87
N PRO B 305 -6.08 2.62 -41.15
CA PRO B 305 -5.38 3.47 -42.13
C PRO B 305 -6.00 4.86 -42.17
N THR B 306 -5.16 5.87 -42.35
CA THR B 306 -5.66 7.25 -42.42
C THR B 306 -5.33 7.88 -43.76
N LYS B 307 -6.03 8.97 -44.06
CA LYS B 307 -5.86 9.73 -45.31
C LYS B 307 -7.09 10.61 -45.52
#